data_5BVI
#
_entry.id   5BVI
#
_cell.length_a   45.533
_cell.length_b   84.854
_cell.length_c   149.851
_cell.angle_alpha   90.00
_cell.angle_beta   90.00
_cell.angle_gamma   90.00
#
_symmetry.space_group_name_H-M   'P 21 2 21'
#
loop_
_entity.id
_entity.type
_entity.pdbx_description
1 polymer 'Interferon regulatory factor 4'
2 non-polymer 'CHLORIDE ION'
3 water water
#
_entity_poly.entity_id   1
_entity_poly.type   'polypeptide(L)'
_entity_poly.pdbx_seq_one_letter_code
;QGSIRSAEALALSDCRLHICLYYRDILVKELTTTSPEGCRISHGHTYDVSNLDQVLFPYPDDNGQRKNIEKLLSHLERGL
VLWMAPDGLYAKRLCQSRIYWDGPLALCSDRPNKLERDQTCKLFDTQQFLSELQVFAHHGRPAPRFQVTLCFGEEFPDPQ
RQRKLITAHVEPLLARQLYYFAQQN
;
_entity_poly.pdbx_strand_id   A,B
#
loop_
_chem_comp.id
_chem_comp.type
_chem_comp.name
_chem_comp.formula
CL non-polymer 'CHLORIDE ION' 'Cl -1'
#
# COMPACT_ATOMS: atom_id res chain seq x y z
N ILE A 4 -8.41 17.90 -24.43
CA ILE A 4 -8.63 17.38 -25.78
C ILE A 4 -9.91 16.54 -25.92
N ARG A 5 -10.00 15.39 -25.26
CA ARG A 5 -11.26 14.63 -25.27
C ARG A 5 -12.32 15.23 -24.34
N SER A 6 -13.56 15.29 -24.82
CA SER A 6 -14.63 15.95 -24.07
C SER A 6 -15.14 15.13 -22.88
N ALA A 7 -14.99 13.81 -22.92
CA ALA A 7 -15.32 12.97 -21.76
C ALA A 7 -14.29 13.16 -20.63
N GLU A 8 -13.04 13.37 -21.01
CA GLU A 8 -11.97 13.63 -20.06
C GLU A 8 -12.15 14.99 -19.41
N ALA A 9 -12.71 15.93 -20.16
CA ALA A 9 -12.95 17.27 -19.64
C ALA A 9 -14.04 17.24 -18.56
N LEU A 10 -15.06 16.42 -18.82
CA LEU A 10 -16.14 16.19 -17.86
C LEU A 10 -15.62 15.60 -16.55
N ALA A 11 -14.76 14.58 -16.65
CA ALA A 11 -14.22 13.94 -15.46
C ALA A 11 -13.40 14.95 -14.67
N LEU A 12 -12.63 15.76 -15.40
CA LEU A 12 -11.74 16.75 -14.80
C LEU A 12 -12.54 17.87 -14.15
N SER A 13 -13.79 17.97 -14.56
CA SER A 13 -14.66 19.04 -14.12
C SER A 13 -15.48 18.61 -12.91
N ASP A 14 -15.58 17.30 -12.72
CA ASP A 14 -16.40 16.68 -11.69
C ASP A 14 -15.83 16.92 -10.29
N CYS A 15 -16.66 17.35 -9.35
CA CYS A 15 -16.19 17.66 -7.98
C CYS A 15 -16.71 16.68 -6.93
N ARG A 16 -17.37 15.62 -7.38
CA ARG A 16 -18.07 14.72 -6.48
C ARG A 16 -17.12 13.74 -5.79
N LEU A 17 -17.44 13.40 -4.55
CA LEU A 17 -16.65 12.50 -3.73
C LEU A 17 -17.42 11.23 -3.40
N HIS A 18 -16.79 10.08 -3.60
CA HIS A 18 -17.37 8.85 -3.09
C HIS A 18 -16.84 8.57 -1.67
N ILE A 19 -17.77 8.42 -0.72
CA ILE A 19 -17.41 8.29 0.70
C ILE A 19 -18.00 7.06 1.36
N CYS A 20 -17.15 6.32 2.07
CA CYS A 20 -17.58 5.15 2.85
C CYS A 20 -17.20 5.30 4.30
N LEU A 21 -18.15 5.02 5.20
CA LEU A 21 -17.90 5.05 6.64
C LEU A 21 -18.02 3.66 7.24
N TYR A 22 -17.08 3.35 8.12
CA TYR A 22 -17.00 2.05 8.80
C TYR A 22 -17.00 2.19 10.32
N TYR A 23 -17.79 1.36 10.97
CA TYR A 23 -17.70 1.20 12.41
C TYR A 23 -17.03 -0.13 12.68
N ARG A 24 -15.79 -0.09 13.18
CA ARG A 24 -15.02 -1.30 13.41
C ARG A 24 -15.01 -2.18 12.15
N ASP A 25 -14.61 -1.60 11.04
CA ASP A 25 -14.40 -2.32 9.79
C ASP A 25 -15.68 -2.90 9.18
N ILE A 26 -16.82 -2.40 9.63
CA ILE A 26 -18.12 -2.73 9.02
C ILE A 26 -18.70 -1.52 8.30
N LEU A 27 -19.04 -1.68 7.03
CA LEU A 27 -19.65 -0.60 6.26
C LEU A 27 -20.98 -0.17 6.87
N VAL A 28 -21.06 1.10 7.28
CA VAL A 28 -22.24 1.60 7.93
C VAL A 28 -22.83 2.77 7.12
N LYS A 29 -22.11 3.21 6.10
CA LYS A 29 -22.59 4.28 5.24
C LYS A 29 -21.75 4.46 3.98
N GLU A 30 -22.43 4.69 2.86
CA GLU A 30 -21.79 4.85 1.56
C GLU A 30 -22.62 5.81 0.71
N LEU A 31 -22.00 6.85 0.17
CA LEU A 31 -22.72 7.83 -0.66
C LEU A 31 -21.79 8.48 -1.67
N THR A 32 -22.39 9.16 -2.65
CA THR A 32 -21.65 10.05 -3.54
C THR A 32 -22.12 11.45 -3.28
N THR A 33 -21.19 12.36 -3.02
CA THR A 33 -21.59 13.73 -2.75
C THR A 33 -22.10 14.38 -4.03
N THR A 34 -23.03 15.32 -3.89
CA THR A 34 -23.66 15.96 -5.05
C THR A 34 -23.27 17.43 -5.11
N SER A 35 -22.74 17.96 -4.02
CA SER A 35 -22.51 19.39 -3.95
C SER A 35 -21.12 19.83 -4.36
N PRO A 36 -21.07 20.79 -5.25
CA PRO A 36 -19.79 21.36 -5.69
C PRO A 36 -19.01 22.05 -4.56
N GLU A 37 -19.70 22.61 -3.58
CA GLU A 37 -19.02 23.31 -2.49
C GLU A 37 -18.29 22.35 -1.54
N GLY A 38 -18.65 21.07 -1.60
CA GLY A 38 -18.02 20.10 -0.73
C GLY A 38 -18.99 19.51 0.28
N CYS A 39 -18.45 18.83 1.30
CA CYS A 39 -19.26 18.13 2.28
C CYS A 39 -18.61 18.16 3.65
N ARG A 40 -19.43 17.96 4.68
CA ARG A 40 -18.96 17.92 6.05
C ARG A 40 -19.42 16.61 6.64
N ILE A 41 -18.48 15.89 7.24
CA ILE A 41 -18.79 14.63 7.89
C ILE A 41 -18.84 14.88 9.39
N SER A 42 -19.96 14.58 10.03
CA SER A 42 -20.07 14.90 11.45
C SER A 42 -21.15 14.12 12.18
N HIS A 43 -21.21 14.32 13.50
CA HIS A 43 -22.20 13.66 14.34
C HIS A 43 -23.29 14.65 14.77
N GLY A 44 -24.54 14.29 14.50
CA GLY A 44 -25.70 15.08 14.89
C GLY A 44 -26.11 16.16 13.89
N HIS A 45 -27.41 16.35 13.76
CA HIS A 45 -27.93 17.43 12.91
C HIS A 45 -27.45 18.80 13.40
N THR A 46 -27.17 19.69 12.46
CA THR A 46 -26.85 21.06 12.78
C THR A 46 -27.93 21.89 12.14
N TYR A 47 -28.40 22.92 12.82
CA TYR A 47 -29.51 23.67 12.28
C TYR A 47 -29.05 25.03 11.79
N ASP A 48 -28.17 25.02 10.79
CA ASP A 48 -27.67 26.26 10.19
C ASP A 48 -27.74 26.18 8.67
N VAL A 49 -27.42 27.30 8.02
CA VAL A 49 -27.40 27.33 6.56
C VAL A 49 -26.00 26.95 6.09
N SER A 50 -25.94 26.07 5.09
CA SER A 50 -24.68 25.57 4.53
C SER A 50 -24.85 24.95 3.16
N ASN A 51 -24.06 25.39 2.18
CA ASN A 51 -24.13 24.82 0.83
C ASN A 51 -23.33 23.51 0.71
N LEU A 52 -22.73 23.05 1.82
CA LEU A 52 -22.03 21.76 1.86
C LEU A 52 -22.97 20.60 2.18
N ASP A 53 -22.74 19.45 1.55
CA ASP A 53 -23.48 18.23 1.89
C ASP A 53 -23.19 17.80 3.32
N GLN A 54 -24.24 17.44 4.04
CA GLN A 54 -24.06 17.00 5.42
C GLN A 54 -24.08 15.50 5.45
N VAL A 55 -22.92 14.90 5.70
CA VAL A 55 -22.81 13.47 5.91
C VAL A 55 -22.77 13.18 7.42
N LEU A 56 -23.84 12.59 7.94
CA LEU A 56 -23.90 12.31 9.37
C LEU A 56 -23.48 10.89 9.71
N PHE A 57 -22.66 10.72 10.75
CA PHE A 57 -22.37 9.38 11.27
C PHE A 57 -23.67 8.72 11.70
N PRO A 58 -23.88 7.46 11.30
CA PRO A 58 -25.11 6.75 11.68
C PRO A 58 -25.10 6.28 13.13
N TYR A 59 -26.27 5.95 13.67
CA TYR A 59 -26.37 5.45 15.04
C TYR A 59 -25.67 4.12 15.13
N PRO A 60 -24.76 3.96 16.09
CA PRO A 60 -24.06 2.68 16.20
C PRO A 60 -24.95 1.56 16.75
N ASP A 61 -24.55 0.33 16.47
CA ASP A 61 -25.22 -0.86 16.96
C ASP A 61 -25.15 -1.02 18.49
N ASP A 62 -26.25 -1.49 19.06
CA ASP A 62 -26.40 -1.66 20.51
C ASP A 62 -25.29 -2.49 21.14
N ASN A 63 -24.88 -3.56 20.47
CA ASN A 63 -23.93 -4.52 21.04
C ASN A 63 -22.52 -3.98 21.34
N GLY A 64 -22.13 -4.07 22.60
CA GLY A 64 -20.73 -4.14 23.00
C GLY A 64 -19.86 -2.90 23.04
N GLN A 65 -19.42 -2.44 21.88
CA GLN A 65 -18.55 -1.28 21.84
C GLN A 65 -19.32 0.03 21.70
N ARG A 66 -20.65 -0.02 21.87
CA ARG A 66 -21.49 1.17 21.71
C ARG A 66 -21.11 2.36 22.58
N LYS A 67 -20.74 2.11 23.83
CA LYS A 67 -20.40 3.19 24.75
C LYS A 67 -19.16 3.95 24.28
N ASN A 68 -18.14 3.24 23.81
CA ASN A 68 -16.93 3.91 23.32
C ASN A 68 -17.14 4.64 22.02
N ILE A 69 -17.93 4.05 21.13
CA ILE A 69 -18.20 4.72 19.85
C ILE A 69 -18.94 6.02 20.10
N GLU A 70 -19.81 6.01 21.10
CA GLU A 70 -20.59 7.19 21.45
C GLU A 70 -19.69 8.29 21.96
N LYS A 71 -18.68 7.90 22.74
CA LYS A 71 -17.72 8.88 23.26
C LYS A 71 -16.94 9.52 22.13
N LEU A 72 -16.48 8.67 21.21
CA LEU A 72 -15.83 9.12 20.00
C LEU A 72 -16.75 10.07 19.18
N LEU A 73 -18.01 9.69 18.95
CA LEU A 73 -18.97 10.55 18.23
C LEU A 73 -19.13 11.92 18.84
N SER A 74 -19.02 12.00 20.16
CA SER A 74 -19.11 13.29 20.86
C SER A 74 -17.91 14.20 20.60
N HIS A 75 -16.80 13.65 20.11
CA HIS A 75 -15.66 14.45 19.66
C HIS A 75 -15.73 14.71 18.15
N LEU A 76 -16.81 14.29 17.52
CA LEU A 76 -16.97 14.46 16.07
C LEU A 76 -18.15 15.36 15.71
N GLU A 77 -18.57 16.17 16.69
CA GLU A 77 -19.71 17.07 16.49
C GLU A 77 -19.46 18.08 15.37
N ARG A 78 -18.43 18.90 15.49
CA ARG A 78 -18.13 19.86 14.42
C ARG A 78 -17.64 19.17 13.15
N GLY A 79 -17.04 17.99 13.30
CA GLY A 79 -16.69 17.17 12.15
C GLY A 79 -15.52 17.58 11.27
N LEU A 80 -15.54 17.08 10.05
CA LEU A 80 -14.45 17.24 9.11
C LEU A 80 -14.95 17.71 7.77
N VAL A 81 -14.43 18.83 7.27
CA VAL A 81 -14.86 19.32 5.98
C VAL A 81 -13.94 18.86 4.87
N LEU A 82 -14.54 18.34 3.80
CA LEU A 82 -13.85 17.86 2.61
C LEU A 82 -14.37 18.55 1.36
N TRP A 83 -13.47 18.91 0.44
CA TRP A 83 -13.91 19.44 -0.86
C TRP A 83 -12.89 19.25 -1.97
N MET A 84 -13.42 19.03 -3.17
CA MET A 84 -12.64 18.90 -4.41
C MET A 84 -12.50 20.18 -5.16
N ALA A 85 -11.31 20.75 -5.20
CA ALA A 85 -11.01 21.88 -6.07
C ALA A 85 -10.46 21.36 -7.40
N PRO A 86 -10.37 22.22 -8.43
CA PRO A 86 -9.74 21.77 -9.69
C PRO A 86 -8.32 21.27 -9.45
N ASP A 87 -7.63 22.02 -8.60
CA ASP A 87 -6.41 21.65 -7.93
C ASP A 87 -6.35 20.20 -7.40
N GLY A 88 -7.39 19.77 -6.68
CA GLY A 88 -7.39 18.48 -6.01
C GLY A 88 -8.21 18.43 -4.73
N LEU A 89 -7.94 17.46 -3.86
CA LEU A 89 -8.81 17.23 -2.70
C LEU A 89 -8.26 17.84 -1.43
N TYR A 90 -9.11 18.61 -0.76
CA TYR A 90 -8.72 19.35 0.43
C TYR A 90 -9.52 18.90 1.65
N ALA A 91 -8.92 19.06 2.82
CA ALA A 91 -9.52 18.64 4.09
C ALA A 91 -9.28 19.69 5.16
N LYS A 92 -10.29 19.88 6.00
CA LYS A 92 -10.19 20.79 7.13
C LYS A 92 -10.89 20.17 8.35
N ARG A 93 -10.10 19.76 9.33
CA ARG A 93 -10.63 19.18 10.55
C ARG A 93 -11.13 20.26 11.52
N LEU A 94 -12.41 20.17 11.90
CA LEU A 94 -13.03 21.13 12.81
C LEU A 94 -13.36 20.52 14.17
N CYS A 95 -13.08 19.23 14.31
CA CYS A 95 -13.53 18.49 15.47
C CYS A 95 -12.47 18.29 16.54
N GLN A 96 -12.93 17.88 17.71
CA GLN A 96 -12.06 17.66 18.85
C GLN A 96 -11.24 16.37 18.68
N SER A 97 -11.85 15.40 18.01
CA SER A 97 -11.20 14.13 17.75
C SER A 97 -10.05 14.30 16.78
N ARG A 98 -8.94 13.62 17.09
CA ARG A 98 -7.79 13.56 16.19
C ARG A 98 -8.13 12.77 14.92
N ILE A 99 -7.53 13.17 13.79
CA ILE A 99 -7.83 12.57 12.50
C ILE A 99 -6.56 12.13 11.74
N TYR A 100 -6.37 10.82 11.68
CA TYR A 100 -5.26 10.21 10.94
C TYR A 100 -5.67 9.97 9.49
N TRP A 101 -4.76 10.22 8.57
CA TRP A 101 -5.07 9.99 7.18
C TRP A 101 -3.94 9.27 6.47
N ASP A 102 -4.28 8.56 5.42
CA ASP A 102 -3.31 8.04 4.49
C ASP A 102 -3.81 8.40 3.10
N GLY A 103 -2.91 8.61 2.15
CA GLY A 103 -3.33 8.95 0.81
C GLY A 103 -2.20 9.33 -0.12
N PRO A 104 -2.55 9.68 -1.36
CA PRO A 104 -1.56 9.92 -2.42
C PRO A 104 -0.54 11.02 -2.10
N LEU A 105 -0.89 11.97 -1.25
CA LEU A 105 0.05 13.02 -0.88
C LEU A 105 0.84 12.67 0.37
N ALA A 106 0.51 11.53 0.97
CA ALA A 106 1.18 11.13 2.20
C ALA A 106 2.47 10.33 1.93
N LEU A 107 3.41 10.33 2.88
CA LEU A 107 4.56 9.38 2.85
C LEU A 107 4.52 8.35 3.99
N CYS A 108 5.33 7.30 3.87
CA CYS A 108 5.45 6.29 4.93
C CYS A 108 6.42 6.76 6.01
N SER A 109 7.37 7.60 5.59
CA SER A 109 8.32 8.24 6.49
C SER A 109 7.63 9.33 7.30
N ASP A 110 6.69 10.00 6.66
CA ASP A 110 5.87 11.04 7.28
C ASP A 110 4.84 10.46 8.29
N ARG A 111 4.58 9.15 8.18
CA ARG A 111 3.59 8.46 9.02
C ARG A 111 4.05 8.42 10.50
N PRO A 112 3.13 8.75 11.46
CA PRO A 112 1.70 9.07 11.27
C PRO A 112 1.37 10.50 10.82
N ASN A 113 0.36 10.48 10.00
CA ASN A 113 -0.22 11.60 9.32
C ASN A 113 -1.47 12.08 9.98
N LYS A 114 -1.42 13.31 10.48
CA LYS A 114 -2.50 13.83 11.31
C LYS A 114 -3.03 15.12 10.73
N LEU A 115 -4.34 15.31 10.82
CA LEU A 115 -4.90 16.59 10.43
C LEU A 115 -4.86 17.58 11.59
N GLU A 116 -4.18 18.70 11.37
CA GLU A 116 -4.17 19.82 12.30
C GLU A 116 -5.53 20.46 12.34
N ARG A 117 -6.01 20.76 13.55
CA ARG A 117 -7.32 21.38 13.69
C ARG A 117 -7.32 22.80 13.10
N ASP A 118 -8.40 23.12 12.39
CA ASP A 118 -8.61 24.41 11.72
C ASP A 118 -7.64 24.70 10.58
N GLN A 119 -6.68 23.82 10.33
CA GLN A 119 -5.74 24.01 9.21
C GLN A 119 -6.11 23.17 7.97
N THR A 120 -6.20 23.83 6.83
CA THR A 120 -6.48 23.16 5.57
C THR A 120 -5.32 22.27 5.12
N CYS A 121 -5.59 20.99 4.90
CA CYS A 121 -4.58 20.08 4.42
C CYS A 121 -5.01 19.46 3.09
N LYS A 122 -4.07 19.33 2.15
CA LYS A 122 -4.38 18.74 0.86
C LYS A 122 -4.04 17.25 0.83
N LEU A 123 -5.01 16.43 0.45
CA LEU A 123 -4.84 14.98 0.48
C LEU A 123 -4.64 14.32 -0.89
N PHE A 124 -4.93 15.06 -1.96
CA PHE A 124 -4.87 14.51 -3.30
C PHE A 124 -4.63 15.65 -4.28
N ASP A 125 -3.75 15.44 -5.25
CA ASP A 125 -3.40 16.48 -6.21
C ASP A 125 -3.62 15.97 -7.62
N THR A 126 -4.36 16.73 -8.41
CA THR A 126 -4.76 16.27 -9.74
C THR A 126 -3.57 16.16 -10.72
N GLN A 127 -2.66 17.12 -10.71
CA GLN A 127 -1.46 16.99 -11.56
C GLN A 127 -0.62 15.73 -11.22
N GLN A 128 -0.37 15.49 -9.95
CA GLN A 128 0.32 14.28 -9.54
C GLN A 128 -0.44 13.04 -10.02
N PHE A 129 -1.77 13.06 -9.89
CA PHE A 129 -2.56 11.93 -10.31
C PHE A 129 -2.45 11.69 -11.80
N LEU A 130 -2.49 12.77 -12.57
CA LEU A 130 -2.37 12.67 -14.03
C LEU A 130 -0.99 12.11 -14.42
N SER A 131 0.02 12.44 -13.63
CA SER A 131 1.36 11.87 -13.84
C SER A 131 1.37 10.38 -13.54
N GLU A 132 0.72 10.00 -12.45
CA GLU A 132 0.66 8.59 -12.09
C GLU A 132 -0.14 7.86 -13.15
N LEU A 133 -1.16 8.54 -13.66
CA LEU A 133 -2.03 7.97 -14.68
C LEU A 133 -1.24 7.75 -15.98
N GLN A 134 -0.33 8.67 -16.29
CA GLN A 134 0.55 8.50 -17.44
C GLN A 134 1.44 7.27 -17.30
N VAL A 135 2.03 7.10 -16.12
CA VAL A 135 2.89 5.95 -15.85
C VAL A 135 2.09 4.65 -16.05
N PHE A 136 0.87 4.62 -15.55
CA PHE A 136 -0.03 3.49 -15.76
C PHE A 136 -0.33 3.22 -17.25
N ALA A 137 -0.60 4.28 -17.99
CA ALA A 137 -0.88 4.14 -19.43
C ALA A 137 0.31 3.55 -20.20
N HIS A 138 1.52 3.93 -19.83
CA HIS A 138 2.70 3.47 -20.54
C HIS A 138 3.09 2.05 -20.15
N HIS A 139 3.12 1.75 -18.84
CA HIS A 139 3.67 0.49 -18.36
C HIS A 139 2.62 -0.56 -17.99
N GLY A 140 1.42 -0.11 -17.63
CA GLY A 140 0.37 -1.01 -17.16
C GLY A 140 0.34 -1.20 -15.66
N ARG A 141 1.34 -0.61 -14.99
CA ARG A 141 1.50 -0.58 -13.53
C ARG A 141 2.25 0.69 -13.17
N PRO A 142 2.14 1.12 -11.91
CA PRO A 142 1.16 0.65 -10.94
C PRO A 142 -0.20 1.31 -11.17
N ALA A 143 -1.21 0.92 -10.41
CA ALA A 143 -2.45 1.65 -10.48
C ALA A 143 -2.19 3.00 -9.84
N PRO A 144 -2.69 4.08 -10.47
CA PRO A 144 -2.53 5.41 -9.88
C PRO A 144 -3.23 5.42 -8.53
N ARG A 145 -2.75 6.25 -7.61
CA ARG A 145 -3.30 6.26 -6.27
C ARG A 145 -4.24 7.45 -6.13
N PHE A 146 -5.41 7.20 -5.56
CA PHE A 146 -6.43 8.21 -5.45
C PHE A 146 -7.41 7.92 -4.34
N GLN A 147 -7.05 7.03 -3.43
CA GLN A 147 -7.93 6.74 -2.32
C GLN A 147 -7.40 7.37 -1.04
N VAL A 148 -8.24 8.09 -0.33
CA VAL A 148 -7.86 8.64 0.95
C VAL A 148 -8.47 7.80 2.07
N THR A 149 -7.63 7.43 3.04
CA THR A 149 -8.07 6.69 4.20
C THR A 149 -7.98 7.55 5.46
N LEU A 150 -9.06 7.56 6.25
CA LEU A 150 -9.17 8.39 7.44
C LEU A 150 -9.53 7.53 8.64
N CYS A 151 -8.83 7.72 9.76
CA CYS A 151 -9.29 7.15 11.02
C CYS A 151 -9.50 8.25 12.04
N PHE A 152 -10.64 8.20 12.73
CA PHE A 152 -11.00 9.20 13.74
C PHE A 152 -10.66 8.72 15.15
N GLY A 153 -9.80 9.47 15.85
CA GLY A 153 -9.53 9.18 17.25
C GLY A 153 -8.34 8.27 17.54
N GLU A 154 -8.04 7.35 16.62
CA GLU A 154 -7.10 6.28 16.88
C GLU A 154 -6.06 6.09 15.79
N GLU A 155 -4.80 5.97 16.21
CA GLU A 155 -3.71 5.70 15.30
C GLU A 155 -3.61 4.18 15.08
N PHE A 156 -4.00 3.41 16.09
CA PHE A 156 -4.05 1.95 16.03
C PHE A 156 -5.28 1.42 16.75
N PRO A 157 -5.75 0.23 16.34
CA PRO A 157 -6.84 -0.41 17.11
C PRO A 157 -6.46 -0.58 18.58
N ASP A 158 -7.40 -0.31 19.48
CA ASP A 158 -7.21 -0.43 20.93
C ASP A 158 -6.65 -1.80 21.27
N PRO A 159 -5.89 -1.91 22.37
CA PRO A 159 -5.53 -3.24 22.87
C PRO A 159 -6.75 -4.15 23.09
N GLN A 160 -7.83 -3.59 23.64
CA GLN A 160 -9.04 -4.35 23.94
C GLN A 160 -9.91 -4.67 22.71
N ARG A 161 -9.64 -4.01 21.58
CA ARG A 161 -10.46 -4.20 20.37
C ARG A 161 -9.60 -4.57 19.16
N GLN A 162 -10.12 -5.37 18.24
CA GLN A 162 -9.35 -5.82 17.08
C GLN A 162 -9.26 -4.77 15.98
N ARG A 163 -10.30 -3.96 15.85
CA ARG A 163 -10.35 -2.94 14.81
C ARG A 163 -10.35 -1.53 15.35
N LYS A 164 -10.01 -0.58 14.49
CA LYS A 164 -10.25 0.84 14.75
C LYS A 164 -11.77 1.11 14.74
N LEU A 165 -12.23 1.98 15.65
CA LEU A 165 -13.64 2.26 15.82
C LEU A 165 -14.34 2.86 14.60
N ILE A 166 -13.82 3.99 14.11
CA ILE A 166 -14.45 4.69 13.01
C ILE A 166 -13.41 5.04 11.93
N THR A 167 -13.63 4.51 10.72
CA THR A 167 -12.75 4.79 9.59
C THR A 167 -13.58 5.27 8.39
N ALA A 168 -12.95 6.04 7.52
CA ALA A 168 -13.60 6.46 6.30
C ALA A 168 -12.74 6.20 5.04
N HIS A 169 -13.40 6.08 3.90
CA HIS A 169 -12.69 5.97 2.61
C HIS A 169 -13.23 7.06 1.67
N VAL A 170 -12.34 7.86 1.10
CA VAL A 170 -12.77 8.93 0.22
C VAL A 170 -12.10 8.81 -1.15
N GLU A 171 -12.92 8.85 -2.20
CA GLU A 171 -12.42 8.88 -3.58
C GLU A 171 -13.02 10.03 -4.37
N PRO A 172 -12.17 10.85 -5.00
CA PRO A 172 -12.73 11.79 -5.95
C PRO A 172 -13.26 11.01 -7.16
N LEU A 173 -14.49 11.26 -7.62
CA LEU A 173 -15.01 10.50 -8.75
C LEU A 173 -14.17 10.75 -10.00
N LEU A 174 -13.57 11.94 -10.04
CA LEU A 174 -12.69 12.36 -11.10
C LEU A 174 -11.62 11.31 -11.37
N ALA A 175 -10.96 10.88 -10.30
CA ALA A 175 -9.88 9.92 -10.43
C ALA A 175 -10.46 8.56 -10.82
N ARG A 176 -11.53 8.16 -10.16
CA ARG A 176 -12.13 6.86 -10.42
C ARG A 176 -12.50 6.71 -11.89
N GLN A 177 -13.13 7.74 -12.45
CA GLN A 177 -13.57 7.71 -13.83
C GLN A 177 -12.40 7.76 -14.82
N LEU A 178 -11.38 8.57 -14.52
CA LEU A 178 -10.22 8.66 -15.42
C LEU A 178 -9.47 7.34 -15.46
N TYR A 179 -9.34 6.71 -14.29
CA TYR A 179 -8.68 5.42 -14.20
C TYR A 179 -9.47 4.35 -14.96
N TYR A 180 -10.79 4.32 -14.74
CA TYR A 180 -11.69 3.46 -15.50
C TYR A 180 -11.53 3.63 -17.03
N PHE A 181 -11.46 4.87 -17.50
CA PHE A 181 -11.18 5.17 -18.90
C PHE A 181 -9.87 4.54 -19.36
N ALA A 182 -8.80 4.78 -18.60
CA ALA A 182 -7.46 4.29 -18.93
C ALA A 182 -7.39 2.76 -19.02
N GLN A 183 -8.32 2.10 -18.35
CA GLN A 183 -8.36 0.63 -18.32
C GLN A 183 -9.03 0.03 -19.54
N GLN A 184 -9.79 0.83 -20.26
CA GLN A 184 -10.56 0.34 -21.40
C GLN A 184 -9.64 0.17 -22.58
N ASN A 185 -8.43 0.71 -22.45
CA ASN A 185 -7.41 0.54 -23.47
C ASN A 185 -6.19 -0.19 -22.90
N ARG B 5 23.48 11.89 -17.45
CA ARG B 5 24.74 11.17 -17.56
C ARG B 5 24.51 9.67 -17.81
N SER B 6 23.26 9.30 -18.13
CA SER B 6 22.80 7.91 -18.17
C SER B 6 23.16 7.14 -16.89
N ALA B 7 23.10 7.86 -15.75
CA ALA B 7 23.52 7.34 -14.46
C ALA B 7 22.81 6.04 -14.11
N GLU B 8 21.51 5.99 -14.41
CA GLU B 8 20.68 4.84 -14.05
C GLU B 8 20.87 3.65 -15.00
N ALA B 9 20.97 3.92 -16.30
CA ALA B 9 21.33 2.87 -17.24
C ALA B 9 22.67 2.26 -16.84
N LEU B 10 23.60 3.10 -16.41
CA LEU B 10 24.90 2.64 -15.96
C LEU B 10 24.84 1.83 -14.65
N ALA B 11 24.11 2.33 -13.65
CA ALA B 11 24.01 1.62 -12.37
C ALA B 11 23.14 0.37 -12.50
N LEU B 12 22.54 0.15 -13.66
CA LEU B 12 21.83 -1.10 -13.90
C LEU B 12 22.82 -2.23 -14.22
N SER B 13 24.10 -2.02 -13.82
CA SER B 13 25.19 -3.04 -13.78
C SER B 13 25.56 -3.36 -12.32
N ASP B 14 24.69 -2.96 -11.41
CA ASP B 14 24.75 -3.39 -10.03
C ASP B 14 23.51 -4.25 -9.80
N CYS B 15 23.72 -5.56 -9.78
CA CYS B 15 22.63 -6.51 -9.66
C CYS B 15 22.43 -7.04 -8.24
N ARG B 16 22.86 -6.29 -7.23
CA ARG B 16 22.77 -6.75 -5.85
C ARG B 16 21.34 -6.67 -5.26
N LEU B 17 20.97 -7.71 -4.52
CA LEU B 17 19.69 -7.77 -3.84
C LEU B 17 19.82 -7.68 -2.32
N HIS B 18 18.95 -6.89 -1.69
CA HIS B 18 18.83 -6.90 -0.23
C HIS B 18 17.71 -7.84 0.18
N ILE B 19 18.00 -8.76 1.09
CA ILE B 19 17.03 -9.75 1.51
C ILE B 19 16.90 -9.89 3.01
N CYS B 20 15.66 -9.78 3.50
CA CYS B 20 15.36 -10.01 4.92
C CYS B 20 14.40 -11.17 5.07
N LEU B 21 14.70 -12.07 6.00
CA LEU B 21 13.83 -13.22 6.23
C LEU B 21 13.20 -13.11 7.61
N TYR B 22 11.89 -13.41 7.70
CA TYR B 22 11.16 -13.31 8.96
C TYR B 22 10.47 -14.61 9.36
N TYR B 23 10.55 -14.94 10.64
CA TYR B 23 9.75 -16.01 11.21
C TYR B 23 8.76 -15.38 12.16
N ARG B 24 7.48 -15.39 11.77
CA ARG B 24 6.42 -14.80 12.57
C ARG B 24 6.74 -13.36 12.91
N ASP B 25 7.08 -12.61 11.88
CA ASP B 25 7.39 -11.19 11.97
C ASP B 25 8.66 -10.88 12.76
N ILE B 26 9.50 -11.89 12.97
CA ILE B 26 10.78 -11.66 13.59
C ILE B 26 11.92 -11.87 12.60
N LEU B 27 12.75 -10.83 12.47
CA LEU B 27 13.93 -10.87 11.61
C LEU B 27 14.89 -11.98 12.05
N VAL B 28 15.12 -12.96 11.18
CA VAL B 28 15.98 -14.10 11.50
C VAL B 28 17.16 -14.16 10.53
N LYS B 29 17.12 -13.37 9.48
CA LYS B 29 18.25 -13.31 8.54
C LYS B 29 18.18 -12.10 7.62
N GLU B 30 19.35 -11.54 7.32
CA GLU B 30 19.49 -10.34 6.48
C GLU B 30 20.83 -10.27 5.75
N LEU B 31 20.82 -10.23 4.43
CA LEU B 31 22.06 -10.24 3.63
C LEU B 31 21.93 -9.41 2.36
N THR B 32 23.05 -9.12 1.72
CA THR B 32 23.06 -8.51 0.42
C THR B 32 23.72 -9.47 -0.53
N THR B 33 22.99 -9.89 -1.56
CA THR B 33 23.55 -10.84 -2.53
C THR B 33 24.61 -10.15 -3.38
N THR B 34 25.54 -10.91 -3.95
CA THR B 34 26.58 -10.34 -4.78
C THR B 34 26.84 -11.12 -6.08
N SER B 35 26.30 -12.33 -6.15
CA SER B 35 26.44 -13.14 -7.35
C SER B 35 25.79 -12.49 -8.59
N PRO B 36 26.53 -12.49 -9.70
CA PRO B 36 25.95 -12.00 -10.95
C PRO B 36 24.72 -12.78 -11.34
N GLU B 37 24.71 -14.07 -11.03
CA GLU B 37 23.61 -14.91 -11.49
C GLU B 37 22.40 -14.87 -10.57
N GLY B 38 22.54 -14.27 -9.40
CA GLY B 38 21.40 -14.14 -8.52
C GLY B 38 21.50 -15.06 -7.31
N CYS B 39 20.35 -15.48 -6.78
CA CYS B 39 20.36 -16.33 -5.60
C CYS B 39 19.19 -17.32 -5.52
N ARG B 40 19.34 -18.30 -4.63
CA ARG B 40 18.29 -19.24 -4.32
C ARG B 40 18.03 -19.19 -2.83
N ILE B 41 16.76 -19.02 -2.46
CA ILE B 41 16.36 -19.07 -1.07
C ILE B 41 15.78 -20.47 -0.81
N SER B 42 16.37 -21.22 0.09
CA SER B 42 15.88 -22.58 0.30
C SER B 42 16.25 -23.10 1.68
N HIS B 43 15.75 -24.30 1.98
CA HIS B 43 16.06 -24.94 3.25
C HIS B 43 17.01 -26.11 3.04
N GLY B 44 18.02 -26.19 3.90
CA GLY B 44 19.02 -27.26 3.82
C GLY B 44 20.11 -27.06 2.79
N HIS B 45 21.34 -27.41 3.16
CA HIS B 45 22.45 -27.34 2.21
C HIS B 45 22.18 -28.31 1.06
N THR B 46 22.66 -27.96 -0.13
CA THR B 46 22.76 -28.94 -1.18
C THR B 46 24.24 -28.98 -1.54
N TYR B 47 24.64 -29.92 -2.37
CA TYR B 47 26.07 -30.15 -2.56
C TYR B 47 26.36 -30.30 -4.03
N ASP B 48 26.07 -29.24 -4.77
CA ASP B 48 26.29 -29.23 -6.20
C ASP B 48 27.00 -27.95 -6.57
N VAL B 49 27.42 -27.85 -7.83
CA VAL B 49 28.07 -26.64 -8.31
C VAL B 49 27.03 -25.60 -8.72
N SER B 50 26.99 -24.48 -8.00
CA SER B 50 26.08 -23.39 -8.33
C SER B 50 26.72 -22.02 -8.22
N ASN B 51 26.56 -21.21 -9.26
CA ASN B 51 27.04 -19.83 -9.27
C ASN B 51 26.10 -18.86 -8.56
N LEU B 52 24.98 -19.37 -8.06
CA LEU B 52 24.00 -18.55 -7.34
C LEU B 52 24.34 -18.55 -5.85
N ASP B 53 24.16 -17.39 -5.22
CA ASP B 53 24.24 -17.29 -3.77
C ASP B 53 23.19 -18.16 -3.09
N GLN B 54 23.62 -18.99 -2.15
CA GLN B 54 22.68 -19.82 -1.44
C GLN B 54 22.23 -19.09 -0.19
N VAL B 55 20.97 -18.67 -0.18
CA VAL B 55 20.37 -18.10 1.01
C VAL B 55 19.59 -19.21 1.73
N LEU B 56 20.07 -19.67 2.89
CA LEU B 56 19.39 -20.73 3.63
C LEU B 56 18.48 -20.21 4.74
N PHE B 57 17.29 -20.80 4.88
CA PHE B 57 16.43 -20.52 6.03
C PHE B 57 17.16 -20.96 7.29
N PRO B 58 17.23 -20.08 8.29
CA PRO B 58 17.92 -20.44 9.52
C PRO B 58 17.08 -21.39 10.38
N TYR B 59 17.70 -22.06 11.35
CA TYR B 59 16.98 -22.97 12.25
C TYR B 59 16.02 -22.17 13.12
N PRO B 60 14.80 -22.67 13.29
CA PRO B 60 13.78 -21.97 14.10
C PRO B 60 13.99 -22.16 15.60
N ASP B 61 13.88 -21.07 16.35
CA ASP B 61 13.91 -21.14 17.80
C ASP B 61 12.74 -21.99 18.31
N ASP B 62 12.99 -22.79 19.34
CA ASP B 62 11.95 -23.64 19.90
C ASP B 62 10.94 -22.87 20.74
N ASN B 63 9.88 -22.41 20.09
CA ASN B 63 8.83 -21.65 20.74
C ASN B 63 7.50 -22.41 20.68
N GLY B 64 7.57 -23.66 20.28
CA GLY B 64 6.37 -24.48 20.21
C GLY B 64 5.67 -24.39 18.87
N GLN B 65 5.85 -23.27 18.17
CA GLN B 65 5.42 -23.19 16.78
C GLN B 65 6.48 -23.77 15.86
N ARG B 66 7.51 -24.36 16.48
CA ARG B 66 8.62 -25.00 15.79
C ARG B 66 8.21 -26.11 14.82
N LYS B 67 7.20 -26.89 15.19
CA LYS B 67 6.79 -28.05 14.41
C LYS B 67 6.08 -27.67 13.12
N ASN B 68 5.24 -26.62 13.19
CA ASN B 68 4.60 -26.05 12.01
C ASN B 68 5.63 -25.44 11.05
N ILE B 69 6.62 -24.76 11.62
CA ILE B 69 7.66 -24.14 10.82
C ILE B 69 8.54 -25.20 10.18
N GLU B 70 8.76 -26.30 10.89
CA GLU B 70 9.52 -27.40 10.32
C GLU B 70 8.77 -28.01 9.14
N LYS B 71 7.46 -28.12 9.27
CA LYS B 71 6.64 -28.65 8.19
C LYS B 71 6.76 -27.78 6.96
N LEU B 72 6.74 -26.47 7.16
CA LEU B 72 6.83 -25.51 6.07
C LEU B 72 8.24 -25.49 5.44
N LEU B 73 9.29 -25.63 6.26
CA LEU B 73 10.66 -25.71 5.75
C LEU B 73 10.86 -26.94 4.87
N SER B 74 10.13 -28.01 5.18
CA SER B 74 10.21 -29.23 4.39
C SER B 74 9.57 -29.08 3.01
N HIS B 75 8.66 -28.12 2.88
CA HIS B 75 8.09 -27.76 1.58
C HIS B 75 8.95 -26.68 0.88
N LEU B 76 10.10 -26.33 1.47
CA LEU B 76 10.93 -25.28 0.89
C LEU B 76 12.34 -25.74 0.50
N GLU B 77 12.53 -27.05 0.36
CA GLU B 77 13.83 -27.64 -0.01
C GLU B 77 14.37 -27.13 -1.35
N ARG B 78 13.57 -27.21 -2.41
CA ARG B 78 14.05 -26.78 -3.71
C ARG B 78 14.13 -25.25 -3.79
N GLY B 79 13.28 -24.60 -3.01
CA GLY B 79 13.38 -23.15 -2.84
C GLY B 79 12.87 -22.21 -3.93
N LEU B 80 13.37 -20.99 -3.88
CA LEU B 80 12.92 -19.94 -4.77
C LEU B 80 14.14 -19.26 -5.36
N VAL B 81 14.17 -19.09 -6.67
CA VAL B 81 15.32 -18.44 -7.29
C VAL B 81 15.00 -17.01 -7.68
N LEU B 82 15.83 -16.08 -7.23
CA LEU B 82 15.69 -14.66 -7.53
C LEU B 82 16.90 -14.11 -8.28
N TRP B 83 16.67 -13.25 -9.27
CA TRP B 83 17.77 -12.54 -9.93
C TRP B 83 17.36 -11.21 -10.56
N MET B 84 18.28 -10.25 -10.45
CA MET B 84 18.14 -8.94 -11.09
C MET B 84 18.84 -8.92 -12.43
N ALA B 85 18.06 -8.81 -13.50
CA ALA B 85 18.60 -8.45 -14.80
C ALA B 85 18.59 -6.92 -14.90
N PRO B 86 19.30 -6.34 -15.87
CA PRO B 86 19.29 -4.87 -15.91
C PRO B 86 17.89 -4.31 -16.20
N ASP B 87 17.00 -5.13 -16.76
CA ASP B 87 15.62 -4.70 -16.98
C ASP B 87 14.70 -4.96 -15.75
N GLY B 88 15.20 -5.70 -14.76
CA GLY B 88 14.41 -5.88 -13.55
C GLY B 88 14.61 -7.18 -12.78
N LEU B 89 13.74 -7.40 -11.78
CA LEU B 89 13.88 -8.56 -10.89
C LEU B 89 12.94 -9.68 -11.28
N TYR B 90 13.47 -10.90 -11.34
CA TYR B 90 12.69 -12.06 -11.75
C TYR B 90 12.66 -13.11 -10.65
N ALA B 91 11.63 -13.93 -10.63
CA ALA B 91 11.50 -14.98 -9.62
C ALA B 91 11.05 -16.26 -10.27
N LYS B 92 11.57 -17.38 -9.77
CA LYS B 92 11.17 -18.69 -10.23
C LYS B 92 10.98 -19.63 -9.04
N ARG B 93 9.74 -19.98 -8.77
CA ARG B 93 9.44 -20.87 -7.67
C ARG B 93 9.70 -22.31 -8.06
N LEU B 94 10.59 -22.98 -7.32
CA LEU B 94 10.94 -24.37 -7.59
C LEU B 94 10.40 -25.31 -6.51
N CYS B 95 9.82 -24.71 -5.48
CA CYS B 95 9.49 -25.44 -4.28
C CYS B 95 8.02 -25.87 -4.20
N GLN B 96 7.76 -26.76 -3.26
CA GLN B 96 6.46 -27.34 -3.08
C GLN B 96 5.51 -26.36 -2.40
N SER B 97 6.06 -25.58 -1.47
CA SER B 97 5.30 -24.53 -0.79
C SER B 97 4.79 -23.49 -1.78
N ARG B 98 3.56 -23.03 -1.56
CA ARG B 98 3.02 -21.94 -2.34
C ARG B 98 3.70 -20.61 -1.94
N ILE B 99 3.85 -19.70 -2.90
CA ILE B 99 4.49 -18.41 -2.63
C ILE B 99 3.65 -17.22 -3.09
N TYR B 100 3.19 -16.43 -2.13
CA TYR B 100 2.43 -15.20 -2.36
C TYR B 100 3.39 -14.03 -2.39
N TRP B 101 3.24 -13.15 -3.38
CA TRP B 101 4.08 -11.96 -3.45
C TRP B 101 3.24 -10.72 -3.54
N ASP B 102 3.82 -9.60 -3.12
CA ASP B 102 3.34 -8.28 -3.46
C ASP B 102 4.55 -7.49 -3.97
N GLY B 103 4.31 -6.55 -4.86
CA GLY B 103 5.38 -5.73 -5.41
C GLY B 103 4.90 -4.81 -6.52
N PRO B 104 5.84 -4.04 -7.09
CA PRO B 104 5.55 -3.03 -8.10
C PRO B 104 4.83 -3.55 -9.33
N LEU B 105 4.89 -4.85 -9.60
CA LEU B 105 4.27 -5.38 -10.81
C LEU B 105 2.95 -6.08 -10.51
N ALA B 106 2.62 -6.23 -9.24
CA ALA B 106 1.35 -6.85 -8.88
C ALA B 106 0.25 -5.79 -8.85
N LEU B 107 -1.01 -6.22 -9.03
CA LEU B 107 -2.16 -5.35 -8.79
C LEU B 107 -2.96 -5.87 -7.60
N CYS B 108 -3.70 -4.98 -6.95
CA CYS B 108 -4.51 -5.32 -5.78
C CYS B 108 -5.83 -5.96 -6.21
N SER B 109 -6.19 -5.74 -7.47
CA SER B 109 -7.33 -6.42 -8.08
C SER B 109 -6.97 -7.88 -8.38
N ASP B 110 -5.74 -8.08 -8.86
CA ASP B 110 -5.21 -9.40 -9.14
C ASP B 110 -4.92 -10.20 -7.86
N ARG B 111 -4.92 -9.55 -6.69
CA ARG B 111 -4.51 -10.23 -5.46
C ARG B 111 -5.59 -11.22 -5.01
N PRO B 112 -5.17 -12.36 -4.44
CA PRO B 112 -3.79 -12.79 -4.11
C PRO B 112 -2.89 -13.15 -5.31
N ASN B 113 -1.68 -12.63 -5.30
CA ASN B 113 -0.69 -12.94 -6.33
C ASN B 113 0.23 -14.09 -5.89
N LYS B 114 0.28 -15.14 -6.71
CA LYS B 114 1.00 -16.37 -6.41
C LYS B 114 2.00 -16.69 -7.51
N LEU B 115 3.12 -17.30 -7.14
CA LEU B 115 4.04 -17.76 -8.16
C LEU B 115 3.71 -19.17 -8.60
N GLU B 116 3.58 -19.38 -9.90
CA GLU B 116 3.39 -20.73 -10.41
C GLU B 116 4.69 -21.45 -10.28
N ARG B 117 4.63 -22.72 -9.93
CA ARG B 117 5.85 -23.50 -9.87
C ARG B 117 6.54 -23.57 -11.23
N ASP B 118 7.87 -23.47 -11.21
CA ASP B 118 8.72 -23.65 -12.40
C ASP B 118 8.48 -22.59 -13.48
N GLN B 119 7.80 -21.50 -13.14
CA GLN B 119 7.48 -20.44 -14.10
C GLN B 119 8.14 -19.11 -13.72
N THR B 120 8.92 -18.54 -14.62
CA THR B 120 9.57 -17.27 -14.29
C THR B 120 8.54 -16.15 -14.23
N CYS B 121 8.52 -15.44 -13.12
CA CYS B 121 7.65 -14.30 -12.97
C CYS B 121 8.44 -13.01 -12.71
N LYS B 122 8.13 -11.95 -13.45
CA LYS B 122 8.76 -10.65 -13.23
C LYS B 122 8.07 -9.86 -12.12
N LEU B 123 8.83 -9.46 -11.10
CA LEU B 123 8.28 -8.79 -9.93
C LEU B 123 8.53 -7.27 -9.89
N PHE B 124 9.61 -6.83 -10.53
CA PHE B 124 10.02 -5.42 -10.56
C PHE B 124 10.53 -5.08 -11.95
N ASP B 125 10.25 -3.87 -12.44
CA ASP B 125 10.72 -3.43 -13.76
C ASP B 125 11.49 -2.11 -13.67
N THR B 126 12.67 -2.06 -14.28
CA THR B 126 13.57 -0.93 -14.13
C THR B 126 13.02 0.32 -14.81
N GLN B 127 12.55 0.16 -16.04
CA GLN B 127 11.96 1.27 -16.77
C GLN B 127 10.75 1.88 -16.05
N GLN B 128 9.83 1.01 -15.59
CA GLN B 128 8.70 1.48 -14.80
C GLN B 128 9.20 2.18 -13.52
N PHE B 129 10.25 1.66 -12.89
CA PHE B 129 10.81 2.35 -11.72
C PHE B 129 11.32 3.74 -12.09
N LEU B 130 12.02 3.85 -13.21
CA LEU B 130 12.49 5.16 -13.64
C LEU B 130 11.32 6.11 -13.98
N SER B 131 10.23 5.58 -14.53
CA SER B 131 9.02 6.38 -14.71
C SER B 131 8.46 6.84 -13.37
N GLU B 132 8.40 5.93 -12.40
CA GLU B 132 7.92 6.28 -11.06
C GLU B 132 8.85 7.29 -10.39
N LEU B 133 10.15 7.16 -10.65
CA LEU B 133 11.11 8.06 -10.02
C LEU B 133 10.93 9.49 -10.56
N GLN B 134 10.58 9.59 -11.84
CA GLN B 134 10.32 10.91 -12.43
C GLN B 134 9.09 11.60 -11.81
N VAL B 135 8.02 10.84 -11.59
CA VAL B 135 6.86 11.38 -10.89
C VAL B 135 7.23 11.91 -9.50
N PHE B 136 8.08 11.16 -8.80
CA PHE B 136 8.57 11.58 -7.51
C PHE B 136 9.40 12.85 -7.64
N ALA B 137 10.29 12.85 -8.62
CA ALA B 137 11.18 14.01 -8.82
C ALA B 137 10.36 15.29 -9.03
N HIS B 138 9.42 15.23 -9.97
CA HIS B 138 8.57 16.37 -10.26
C HIS B 138 7.58 16.72 -9.13
N HIS B 139 6.92 15.74 -8.52
CA HIS B 139 5.83 16.08 -7.60
C HIS B 139 6.20 15.99 -6.12
N GLY B 140 7.20 15.19 -5.78
CA GLY B 140 7.56 14.97 -4.38
C GLY B 140 6.91 13.73 -3.82
N ARG B 141 5.80 13.32 -4.41
CA ARG B 141 5.12 12.07 -4.12
C ARG B 141 4.69 11.44 -5.44
N PRO B 142 4.34 10.14 -5.44
CA PRO B 142 4.61 9.17 -4.38
C PRO B 142 6.07 8.71 -4.38
N ALA B 143 6.49 8.08 -3.30
CA ALA B 143 7.73 7.34 -3.31
C ALA B 143 7.57 6.26 -4.38
N PRO B 144 8.62 6.03 -5.18
CA PRO B 144 8.57 4.98 -6.20
C PRO B 144 8.55 3.61 -5.51
N ARG B 145 7.88 2.62 -6.09
CA ARG B 145 7.82 1.31 -5.45
C ARG B 145 8.94 0.40 -5.96
N PHE B 146 9.71 -0.17 -5.02
CA PHE B 146 10.80 -1.07 -5.40
C PHE B 146 10.98 -2.22 -4.43
N GLN B 147 10.01 -2.45 -3.57
CA GLN B 147 10.12 -3.45 -2.52
C GLN B 147 9.16 -4.60 -2.79
N VAL B 148 9.71 -5.80 -2.89
CA VAL B 148 8.91 -6.99 -3.05
C VAL B 148 8.74 -7.71 -1.70
N THR B 149 7.52 -8.15 -1.41
CA THR B 149 7.27 -8.93 -0.22
C THR B 149 6.77 -10.34 -0.59
N LEU B 150 7.28 -11.34 0.12
CA LEU B 150 6.92 -12.74 -0.14
C LEU B 150 6.40 -13.40 1.14
N CYS B 151 5.37 -14.22 1.02
CA CYS B 151 5.02 -15.10 2.12
C CYS B 151 5.03 -16.52 1.61
N PHE B 152 5.66 -17.41 2.38
CA PHE B 152 5.76 -18.80 2.00
C PHE B 152 4.67 -19.62 2.70
N GLY B 153 3.86 -20.32 1.92
CA GLY B 153 2.85 -21.20 2.48
C GLY B 153 1.45 -20.62 2.71
N GLU B 154 1.36 -19.37 3.16
CA GLU B 154 0.10 -18.81 3.64
C GLU B 154 -0.37 -17.50 2.98
N GLU B 155 -1.61 -17.46 2.53
CA GLU B 155 -2.16 -16.21 2.04
C GLU B 155 -2.43 -15.30 3.24
N PHE B 156 -2.85 -15.89 4.37
CA PHE B 156 -3.14 -15.16 5.61
C PHE B 156 -2.61 -15.88 6.83
N PRO B 157 -2.33 -15.13 7.91
CA PRO B 157 -1.99 -15.81 9.16
C PRO B 157 -3.08 -16.79 9.61
N ASP B 158 -2.66 -17.99 10.01
CA ASP B 158 -3.52 -19.02 10.56
C ASP B 158 -4.39 -18.48 11.70
N PRO B 159 -5.71 -18.82 11.72
CA PRO B 159 -6.59 -18.45 12.83
C PRO B 159 -6.00 -18.75 14.19
N GLN B 160 -5.09 -19.73 14.27
CA GLN B 160 -4.43 -20.09 15.51
C GLN B 160 -3.19 -19.23 15.79
N ARG B 161 -2.75 -18.43 14.82
CA ARG B 161 -1.54 -17.60 14.97
C ARG B 161 -1.72 -16.14 14.56
N GLN B 162 -1.06 -15.21 15.25
CA GLN B 162 -1.14 -13.79 14.90
C GLN B 162 -0.53 -13.49 13.53
N ARG B 163 0.63 -14.10 13.29
CA ARG B 163 1.45 -13.76 12.14
C ARG B 163 1.62 -14.92 11.15
N LYS B 164 2.04 -14.62 9.93
CA LYS B 164 2.44 -15.67 9.00
C LYS B 164 3.77 -16.29 9.43
N LEU B 165 3.95 -17.58 9.15
CA LEU B 165 5.15 -18.28 9.59
C LEU B 165 6.45 -17.76 8.97
N ILE B 166 6.49 -17.56 7.67
CA ILE B 166 7.73 -17.15 7.02
C ILE B 166 7.51 -16.09 5.94
N THR B 167 8.18 -14.95 6.07
CA THR B 167 8.08 -13.89 5.09
C THR B 167 9.44 -13.38 4.67
N ALA B 168 9.48 -12.78 3.49
CA ALA B 168 10.72 -12.19 3.00
C ALA B 168 10.50 -10.79 2.40
N HIS B 169 11.46 -9.89 2.64
CA HIS B 169 11.52 -8.62 1.92
C HIS B 169 12.71 -8.64 0.97
N VAL B 170 12.48 -8.26 -0.28
CA VAL B 170 13.55 -8.16 -1.27
C VAL B 170 13.60 -6.79 -1.92
N GLU B 171 14.79 -6.18 -1.94
CA GLU B 171 15.01 -4.92 -2.63
C GLU B 171 16.21 -4.95 -3.57
N PRO B 172 16.01 -4.56 -4.83
CA PRO B 172 17.21 -4.37 -5.67
C PRO B 172 17.97 -3.14 -5.15
N LEU B 173 19.28 -3.26 -4.93
CA LEU B 173 20.05 -2.17 -4.32
C LEU B 173 20.08 -0.92 -5.18
N LEU B 174 19.96 -1.10 -6.49
CA LEU B 174 20.02 0.02 -7.41
C LEU B 174 18.82 0.91 -7.23
N ALA B 175 17.66 0.32 -6.94
CA ALA B 175 16.45 1.07 -6.72
C ALA B 175 16.60 1.91 -5.46
N ARG B 176 17.03 1.28 -4.38
CA ARG B 176 17.33 1.99 -3.15
C ARG B 176 18.28 3.15 -3.36
N GLN B 177 19.34 2.95 -4.14
CA GLN B 177 20.38 3.97 -4.31
C GLN B 177 19.90 5.14 -5.17
N LEU B 178 19.18 4.84 -6.25
CA LEU B 178 18.61 5.89 -7.10
C LEU B 178 17.60 6.72 -6.30
N TYR B 179 16.78 6.06 -5.48
CA TYR B 179 15.79 6.76 -4.70
C TYR B 179 16.45 7.71 -3.70
N TYR B 180 17.46 7.20 -2.99
CA TYR B 180 18.28 7.99 -2.07
C TYR B 180 18.85 9.24 -2.75
N PHE B 181 19.34 9.08 -3.97
CA PHE B 181 19.87 10.19 -4.74
C PHE B 181 18.81 11.21 -5.17
N ALA B 182 17.64 10.68 -5.58
CA ALA B 182 16.48 11.50 -5.92
C ALA B 182 15.94 12.29 -4.72
N GLN B 183 16.27 11.86 -3.50
CA GLN B 183 15.85 12.61 -2.33
C GLN B 183 16.75 13.77 -1.93
N GLN B 184 17.88 13.93 -2.62
CA GLN B 184 18.74 15.07 -2.33
C GLN B 184 18.26 16.30 -3.13
N ASN B 185 17.05 16.17 -3.68
CA ASN B 185 16.31 17.23 -4.35
C ASN B 185 17.12 17.97 -5.42
CL CL C . -16.11 18.13 17.98
CL CL D . -22.86 18.19 13.65
CL CL E . -26.57 21.27 2.60
CL CL F . 10.42 -28.26 -2.05
#